data_7R3O
#
_entry.id   7R3O
#
_cell.length_a   45.240
_cell.length_b   68.540
_cell.length_c   158.570
_cell.angle_alpha   90.000
_cell.angle_beta   90.000
_cell.angle_gamma   90.000
#
_symmetry.space_group_name_H-M   'P 21 21 21'
#
loop_
_entity.id
_entity.type
_entity.pdbx_description
1 polymer 'Protein mono-ADP-ribosyltransferase PARP15'
2 non-polymer 6-methyl-[1,2,4]triazolo[3,4-b][1,3]benzothiazole
3 non-polymer 'DIMETHYL SULFOXIDE'
4 water water
#
_entity_poly.entity_id   1
_entity_poly.type   'polypeptide(L)'
_entity_poly.pdbx_seq_one_letter_code
;MHHHHHHSSGVDLGTENLYFQSMNLPEHWTDMNHQLFCMVQLEPGQSEYNTIKDKFTRTCSSYAIEKIERIQNAFLWQSY
QVKKRQMDIKNDHKNNERLLFHGTDADSVPYVNQHGFNRSCAGKNAVSYGKGTYFAVDASYSAKDTYSKPDSNGRKHMYV
VRVLTGVFTKGRAGLVTPPPKNPHNPTDLFDSVTNNTRSPKLFVVFFDNQAYPEYLITFTA
;
_entity_poly.pdbx_strand_id   A,B
#
# COMPACT_ATOMS: atom_id res chain seq x y z
N LEU A 25 12.69 9.32 14.03
CA LEU A 25 12.04 8.41 15.04
C LEU A 25 11.68 9.19 16.30
N PRO A 26 10.38 9.30 16.63
CA PRO A 26 9.89 10.25 17.64
C PRO A 26 10.65 10.27 18.97
N GLU A 27 10.70 11.44 19.62
CA GLU A 27 11.51 11.68 20.84
C GLU A 27 10.99 10.77 21.96
N HIS A 28 9.66 10.66 22.10
CA HIS A 28 8.94 9.92 23.19
C HIS A 28 9.05 8.39 23.03
N TRP A 29 9.54 7.90 21.90
CA TRP A 29 9.95 6.48 21.78
C TRP A 29 11.10 6.25 22.76
N THR A 30 11.30 5.01 23.22
CA THR A 30 12.46 4.63 24.05
C THR A 30 13.41 3.80 23.19
N ASP A 31 14.68 3.73 23.56
CA ASP A 31 15.78 3.08 22.80
C ASP A 31 15.41 1.63 22.48
N MET A 32 15.88 1.11 21.35
CA MET A 32 15.48 -0.21 20.81
C MET A 32 16.73 -1.08 20.57
N ASN A 33 17.87 -0.71 21.17
CA ASN A 33 19.16 -1.44 21.05
C ASN A 33 19.48 -1.67 19.58
N HIS A 34 19.28 -0.64 18.74
CA HIS A 34 19.49 -0.68 17.26
C HIS A 34 18.47 -1.61 16.58
N GLN A 35 17.36 -2.00 17.21
CA GLN A 35 16.30 -2.84 16.57
C GLN A 35 15.22 -1.93 15.97
N LEU A 36 14.45 -2.47 15.01
CA LEU A 36 13.53 -1.71 14.14
C LEU A 36 12.08 -1.82 14.65
N PHE A 37 11.78 -2.79 15.53
CA PHE A 37 10.41 -3.07 15.99
C PHE A 37 10.39 -3.47 17.48
N CYS A 38 9.60 -2.75 18.27
CA CYS A 38 9.40 -3.05 19.70
C CYS A 38 7.99 -2.59 20.11
N MET A 39 7.31 -3.45 20.88
CA MET A 39 6.10 -3.10 21.65
C MET A 39 6.53 -2.76 23.07
N VAL A 40 6.18 -1.58 23.59
CA VAL A 40 6.67 -1.07 24.90
C VAL A 40 5.46 -0.78 25.78
N GLN A 41 5.28 -1.57 26.84
CA GLN A 41 4.22 -1.36 27.85
C GLN A 41 4.44 0.03 28.47
N LEU A 42 3.41 0.88 28.47
CA LEU A 42 3.43 2.19 29.17
C LEU A 42 3.31 1.97 30.68
N GLU A 43 3.96 2.84 31.46
CA GLU A 43 3.79 2.95 32.93
C GLU A 43 2.48 3.67 33.26
N PRO A 44 1.55 3.03 34.02
CA PRO A 44 0.37 3.71 34.54
C PRO A 44 0.65 4.99 35.35
N GLY A 45 -0.21 6.00 35.20
CA GLY A 45 -0.14 7.26 35.98
C GLY A 45 0.82 8.28 35.38
N GLN A 46 1.78 7.87 34.54
CA GLN A 46 2.63 8.84 33.79
C GLN A 46 1.81 9.43 32.64
N SER A 47 2.27 10.58 32.15
CA SER A 47 1.57 11.54 31.25
C SER A 47 1.08 10.86 29.97
N GLU A 48 1.92 10.01 29.38
CA GLU A 48 1.66 9.39 28.06
C GLU A 48 0.49 8.43 28.18
N TYR A 49 0.53 7.57 29.20
CA TYR A 49 -0.51 6.56 29.53
C TYR A 49 -1.81 7.29 29.86
N ASN A 50 -1.72 8.37 30.64
CA ASN A 50 -2.89 9.16 31.10
C ASN A 50 -3.60 9.73 29.86
N THR A 51 -2.86 10.31 28.91
CA THR A 51 -3.38 10.95 27.67
C THR A 51 -4.18 9.91 26.87
N ILE A 52 -3.59 8.73 26.63
CA ILE A 52 -4.20 7.67 25.79
C ILE A 52 -5.38 7.05 26.54
N LYS A 53 -5.24 6.75 27.83
CA LYS A 53 -6.35 6.22 28.68
C LYS A 53 -7.55 7.16 28.59
N ASP A 54 -7.36 8.48 28.72
CA ASP A 54 -8.47 9.49 28.71
C ASP A 54 -9.21 9.43 27.37
N LYS A 55 -8.50 9.16 26.26
CA LYS A 55 -9.14 9.15 24.91
C LYS A 55 -10.14 7.99 24.92
N PHE A 56 -9.69 6.82 25.38
CA PHE A 56 -10.48 5.57 25.50
C PHE A 56 -11.64 5.75 26.49
N THR A 57 -11.37 6.21 27.71
CA THR A 57 -12.35 6.34 28.82
C THR A 57 -13.45 7.37 28.49
N ARG A 58 -13.19 8.32 27.60
CA ARG A 58 -14.21 9.33 27.16
C ARG A 58 -15.52 8.61 26.78
N THR A 59 -15.44 7.44 26.13
CA THR A 59 -16.64 6.68 25.68
C THR A 59 -16.59 5.24 26.21
N CYS A 60 -15.51 4.81 26.87
CA CYS A 60 -15.34 3.40 27.29
C CYS A 60 -15.04 3.31 28.79
N SER A 61 -15.61 4.24 29.58
CA SER A 61 -15.30 4.36 31.03
C SER A 61 -15.74 3.08 31.76
N SER A 62 -16.69 2.32 31.20
CA SER A 62 -17.23 1.08 31.82
C SER A 62 -16.33 -0.14 31.56
N TYR A 63 -15.31 -0.02 30.72
CA TYR A 63 -14.42 -1.15 30.34
C TYR A 63 -13.25 -1.17 31.35
N ALA A 64 -12.44 -2.22 31.33
CA ALA A 64 -11.29 -2.41 32.25
C ALA A 64 -9.99 -2.50 31.43
N ILE A 65 -9.07 -1.56 31.64
CA ILE A 65 -7.75 -1.51 30.96
C ILE A 65 -6.75 -2.42 31.69
N GLU A 66 -6.35 -3.50 31.03
CA GLU A 66 -5.24 -4.41 31.43
C GLU A 66 -3.89 -3.74 31.19
N LYS A 67 -3.70 -3.09 30.03
CA LYS A 67 -2.41 -2.47 29.66
C LYS A 67 -2.52 -1.69 28.35
N ILE A 68 -1.58 -0.78 28.15
CA ILE A 68 -1.43 -0.03 26.88
C ILE A 68 0.02 -0.20 26.44
N GLU A 69 0.23 -0.46 25.15
CA GLU A 69 1.58 -0.59 24.57
C GLU A 69 1.74 0.44 23.45
N ARG A 70 2.86 1.17 23.44
CA ARG A 70 3.33 2.01 22.30
C ARG A 70 3.98 1.10 21.25
N ILE A 71 3.42 1.11 20.03
CA ILE A 71 3.98 0.37 18.86
C ILE A 71 5.14 1.21 18.32
N GLN A 72 6.35 0.66 18.39
CA GLN A 72 7.55 1.27 17.80
C GLN A 72 7.90 0.44 16.58
N ASN A 73 7.38 0.85 15.43
CA ASN A 73 7.65 0.21 14.13
C ASN A 73 8.27 1.28 13.23
N ALA A 74 9.60 1.24 13.08
CA ALA A 74 10.43 2.21 12.34
C ALA A 74 10.00 2.25 10.87
N PHE A 75 9.88 1.08 10.24
CA PHE A 75 9.51 0.93 8.80
C PHE A 75 8.14 1.55 8.56
N LEU A 76 7.11 1.06 9.26
CA LEU A 76 5.72 1.59 9.19
C LEU A 76 5.75 3.10 9.37
N TRP A 77 6.46 3.57 10.39
CA TRP A 77 6.53 5.01 10.77
C TRP A 77 7.09 5.81 9.60
N GLN A 78 8.12 5.27 8.96
CA GLN A 78 8.89 5.96 7.89
C GLN A 78 7.99 6.10 6.65
N SER A 79 7.38 4.99 6.18
CA SER A 79 6.41 5.02 5.05
C SER A 79 5.22 5.95 5.39
N TYR A 80 4.75 5.98 6.64
CA TYR A 80 3.60 6.85 7.04
C TYR A 80 4.01 8.33 6.95
N GLN A 81 5.18 8.68 7.48
CA GLN A 81 5.63 10.08 7.55
C GLN A 81 5.87 10.56 6.12
N VAL A 82 6.41 9.67 5.26
CA VAL A 82 6.55 9.95 3.82
C VAL A 82 5.18 10.33 3.25
N LYS A 83 4.19 9.46 3.41
CA LYS A 83 2.81 9.73 2.92
C LYS A 83 2.27 11.02 3.59
N LYS A 84 2.63 11.31 4.84
CA LYS A 84 2.10 12.52 5.54
C LYS A 84 2.63 13.76 4.83
N ARG A 85 3.93 13.75 4.51
CA ARG A 85 4.66 14.89 3.89
C ARG A 85 4.10 15.16 2.50
N GLN A 86 3.91 14.10 1.70
CA GLN A 86 3.24 14.14 0.37
C GLN A 86 1.86 14.79 0.47
N MET A 87 1.00 14.34 1.39
CA MET A 87 -0.39 14.88 1.57
C MET A 87 -0.33 16.34 2.04
N ASP A 88 0.59 16.71 2.94
CA ASP A 88 0.73 18.12 3.40
C ASP A 88 1.06 19.02 2.21
N ILE A 89 1.95 18.57 1.30
CA ILE A 89 2.33 19.31 0.06
C ILE A 89 1.10 19.44 -0.86
N LYS A 90 0.40 18.33 -1.10
CA LYS A 90 -0.72 18.25 -2.08
C LYS A 90 -1.91 19.07 -1.57
N ASN A 91 -2.23 19.01 -0.29
CA ASN A 91 -3.43 19.70 0.25
C ASN A 91 -3.06 21.15 0.56
N ASP A 92 -1.76 21.49 0.53
CA ASP A 92 -1.27 22.89 0.66
C ASP A 92 -1.62 23.39 2.06
N HIS A 93 -1.63 22.49 3.04
CA HIS A 93 -1.86 22.74 4.49
C HIS A 93 -1.51 21.45 5.24
N LYS A 94 -1.54 21.48 6.57
CA LYS A 94 -0.96 20.42 7.44
C LYS A 94 -1.98 20.01 8.52
N ASN A 95 -3.26 19.97 8.16
CA ASN A 95 -4.34 19.45 9.05
C ASN A 95 -4.92 18.18 8.43
N ASN A 96 -4.04 17.23 8.06
CA ASN A 96 -4.42 16.01 7.30
C ASN A 96 -4.55 14.80 8.25
N GLU A 97 -4.06 14.91 9.49
CA GLU A 97 -3.99 13.82 10.49
C GLU A 97 -5.15 13.90 11.50
N ARG A 98 -5.72 12.74 11.83
CA ARG A 98 -6.69 12.53 12.94
C ARG A 98 -6.25 11.32 13.77
N LEU A 99 -6.63 11.32 15.05
CA LEU A 99 -6.41 10.19 15.98
C LEU A 99 -7.69 9.36 16.07
N LEU A 100 -7.61 8.11 15.64
CA LEU A 100 -8.84 7.28 15.49
C LEU A 100 -8.58 5.92 16.13
N PHE A 101 -9.65 5.14 16.24
CA PHE A 101 -9.65 3.81 16.91
C PHE A 101 -9.90 2.73 15.87
N HIS A 102 -9.36 1.53 16.11
CA HIS A 102 -9.61 0.32 15.30
C HIS A 102 -9.65 -0.85 16.27
N GLY A 103 -10.81 -1.51 16.42
CA GLY A 103 -10.92 -2.82 17.11
C GLY A 103 -10.48 -3.95 16.18
N THR A 104 -9.85 -5.00 16.70
CA THR A 104 -9.54 -6.19 15.89
C THR A 104 -9.45 -7.46 16.76
N ASP A 105 -9.49 -8.63 16.12
CA ASP A 105 -9.36 -9.94 16.80
C ASP A 105 -7.90 -10.13 17.22
N ALA A 106 -7.68 -10.93 18.27
CA ALA A 106 -6.34 -11.22 18.84
C ALA A 106 -5.40 -11.75 17.76
N ASP A 107 -5.90 -12.55 16.81
CA ASP A 107 -5.06 -13.25 15.80
C ASP A 107 -4.50 -12.24 14.77
N SER A 108 -5.11 -11.05 14.66
CA SER A 108 -4.68 -9.97 13.72
C SER A 108 -3.65 -9.04 14.37
N VAL A 109 -3.52 -9.07 15.69
CA VAL A 109 -2.66 -8.12 16.45
C VAL A 109 -1.22 -8.22 15.98
N PRO A 110 -0.59 -9.42 15.89
CA PRO A 110 0.80 -9.50 15.44
C PRO A 110 0.97 -8.88 14.04
N TYR A 111 0.06 -9.18 13.12
CA TYR A 111 0.12 -8.64 11.74
C TYR A 111 0.07 -7.12 11.79
N VAL A 112 -0.90 -6.52 12.48
CA VAL A 112 -1.03 -5.03 12.53
C VAL A 112 0.25 -4.44 13.12
N ASN A 113 0.76 -4.98 14.24
CA ASN A 113 1.98 -4.47 14.90
C ASN A 113 3.13 -4.39 13.88
N GLN A 114 3.34 -5.46 13.11
CA GLN A 114 4.51 -5.60 12.19
C GLN A 114 4.19 -4.93 10.86
N HIS A 115 3.00 -5.11 10.29
CA HIS A 115 2.71 -4.67 8.90
C HIS A 115 1.59 -3.61 8.83
N GLY A 116 1.03 -3.14 9.94
CA GLY A 116 -0.01 -2.08 9.91
C GLY A 116 -1.32 -2.59 9.33
N PHE A 117 -2.17 -1.68 8.84
CA PHE A 117 -3.54 -1.96 8.33
C PHE A 117 -3.48 -2.34 6.83
N ASN A 118 -4.26 -3.35 6.44
CA ASN A 118 -4.29 -3.97 5.09
C ASN A 118 -5.74 -4.25 4.69
N ARG A 119 -6.19 -3.58 3.64
CA ARG A 119 -7.60 -3.61 3.17
C ARG A 119 -7.98 -4.99 2.59
N SER A 120 -6.99 -5.78 2.12
CA SER A 120 -7.16 -7.16 1.57
C SER A 120 -7.44 -8.18 2.67
N CYS A 121 -7.00 -7.94 3.91
CA CYS A 121 -7.41 -8.65 5.16
C CYS A 121 -8.72 -8.02 5.63
N ALA A 122 -9.87 -8.52 5.21
CA ALA A 122 -11.17 -8.02 5.74
C ALA A 122 -12.27 -9.07 5.51
N GLY A 123 -12.55 -9.89 6.53
CA GLY A 123 -13.61 -10.92 6.52
C GLY A 123 -15.00 -10.31 6.66
N LYS A 124 -15.87 -10.97 7.43
CA LYS A 124 -17.34 -10.76 7.45
C LYS A 124 -17.72 -9.49 8.23
N ASN A 125 -16.84 -8.48 8.30
CA ASN A 125 -17.19 -7.12 8.80
C ASN A 125 -17.69 -6.27 7.62
N ALA A 126 -18.71 -5.44 7.85
CA ALA A 126 -19.34 -4.55 6.86
C ALA A 126 -18.27 -3.70 6.17
N VAL A 127 -18.47 -3.45 4.88
CA VAL A 127 -17.66 -2.51 4.03
C VAL A 127 -18.65 -1.59 3.28
N SER A 128 -19.62 -1.03 4.01
CA SER A 128 -20.77 -0.33 3.42
C SER A 128 -20.30 1.01 2.83
N TYR A 129 -19.16 1.53 3.27
CA TYR A 129 -18.63 2.80 2.72
C TYR A 129 -17.36 2.56 1.90
N GLY A 130 -17.07 1.31 1.53
CA GLY A 130 -15.93 1.03 0.61
C GLY A 130 -15.02 -0.07 1.12
N LYS A 131 -14.22 -0.64 0.21
CA LYS A 131 -13.27 -1.74 0.50
C LYS A 131 -11.92 -1.11 0.89
N GLY A 132 -11.89 -0.52 2.10
CA GLY A 132 -10.68 0.00 2.76
C GLY A 132 -10.62 -0.44 4.22
N THR A 133 -9.77 0.19 5.03
CA THR A 133 -9.67 -0.12 6.47
C THR A 133 -10.53 0.93 7.22
N TYR A 134 -11.29 0.47 8.22
CA TYR A 134 -12.28 1.30 8.93
C TYR A 134 -11.67 1.76 10.25
N PHE A 135 -11.80 3.05 10.56
CA PHE A 135 -11.36 3.69 11.83
C PHE A 135 -12.54 4.49 12.44
N ALA A 136 -12.67 4.42 13.77
CA ALA A 136 -13.79 5.00 14.53
C ALA A 136 -13.32 6.28 15.22
N VAL A 137 -14.17 7.30 15.25
CA VAL A 137 -13.93 8.51 16.07
C VAL A 137 -14.04 8.15 17.56
N ASP A 138 -15.01 7.33 17.94
CA ASP A 138 -15.27 6.96 19.36
C ASP A 138 -14.74 5.54 19.64
N ALA A 139 -13.98 5.38 20.72
CA ALA A 139 -13.50 4.05 21.18
C ALA A 139 -14.69 3.09 21.31
N SER A 140 -15.85 3.58 21.79
CA SER A 140 -17.08 2.78 22.02
C SER A 140 -17.53 2.06 20.73
N TYR A 141 -17.29 2.64 19.55
CA TYR A 141 -17.62 2.00 18.25
C TYR A 141 -16.64 0.83 18.02
N SER A 142 -15.34 1.03 18.26
CA SER A 142 -14.30 -0.02 18.13
C SER A 142 -14.47 -1.11 19.21
N ALA A 143 -15.09 -0.78 20.34
CA ALA A 143 -15.28 -1.66 21.55
C ALA A 143 -16.31 -2.77 21.31
N LYS A 144 -17.17 -2.63 20.30
CA LYS A 144 -18.11 -3.68 19.85
C LYS A 144 -17.35 -4.99 19.60
N ASP A 145 -17.97 -6.09 19.99
CA ASP A 145 -17.42 -7.47 19.90
C ASP A 145 -17.17 -7.85 18.44
N THR A 146 -17.98 -7.37 17.49
CA THR A 146 -17.81 -7.67 16.04
C THR A 146 -16.42 -7.20 15.55
N TYR A 147 -15.83 -6.16 16.17
CA TYR A 147 -14.52 -5.56 15.79
C TYR A 147 -13.45 -6.00 16.79
N SER A 148 -13.51 -5.53 18.04
CA SER A 148 -12.58 -5.95 19.12
C SER A 148 -13.04 -7.32 19.70
N LYS A 149 -12.87 -8.40 18.93
CA LYS A 149 -13.45 -9.72 19.28
C LYS A 149 -12.76 -10.23 20.54
N PRO A 150 -13.52 -10.56 21.62
CA PRO A 150 -12.93 -11.04 22.86
C PRO A 150 -12.32 -12.42 22.61
N ASP A 151 -11.11 -12.68 23.10
CA ASP A 151 -10.45 -14.01 22.94
C ASP A 151 -11.06 -14.97 23.97
N SER A 152 -10.54 -16.20 24.05
CA SER A 152 -10.93 -17.25 25.04
C SER A 152 -11.10 -16.64 26.44
N ASN A 153 -10.22 -15.69 26.81
CA ASN A 153 -10.01 -15.21 28.20
C ASN A 153 -10.78 -13.89 28.42
N GLY A 154 -11.47 -13.39 27.39
CA GLY A 154 -12.34 -12.19 27.47
C GLY A 154 -11.57 -10.91 27.18
N ARG A 155 -10.31 -11.04 26.73
CA ARG A 155 -9.40 -9.90 26.41
C ARG A 155 -9.79 -9.31 25.05
N LYS A 156 -9.99 -7.99 25.02
CA LYS A 156 -10.34 -7.25 23.78
C LYS A 156 -9.17 -6.34 23.41
N HIS A 157 -9.03 -6.03 22.11
CA HIS A 157 -7.87 -5.30 21.54
C HIS A 157 -8.35 -4.16 20.65
N MET A 158 -7.88 -2.96 20.93
CA MET A 158 -8.21 -1.74 20.17
C MET A 158 -6.90 -0.98 19.92
N TYR A 159 -6.70 -0.48 18.69
CA TYR A 159 -5.54 0.40 18.38
C TYR A 159 -5.98 1.87 18.44
N VAL A 160 -5.08 2.71 18.91
CA VAL A 160 -5.10 4.18 18.71
C VAL A 160 -4.22 4.42 17.49
N VAL A 161 -4.78 5.02 16.45
CA VAL A 161 -4.14 5.06 15.11
C VAL A 161 -4.04 6.50 14.66
N ARG A 162 -2.87 6.88 14.18
CA ARG A 162 -2.70 8.12 13.39
C ARG A 162 -3.14 7.81 11.97
N VAL A 163 -4.17 8.51 11.52
CA VAL A 163 -4.81 8.32 10.18
C VAL A 163 -4.72 9.61 9.38
N LEU A 164 -4.22 9.49 8.14
CA LEU A 164 -4.17 10.58 7.14
C LEU A 164 -5.53 10.69 6.44
N THR A 165 -6.54 11.22 7.16
CA THR A 165 -7.91 11.43 6.63
C THR A 165 -7.90 12.50 5.53
N GLY A 166 -6.92 13.41 5.56
CA GLY A 166 -6.79 14.54 4.62
C GLY A 166 -8.14 15.16 4.31
N VAL A 167 -8.44 15.36 3.02
CA VAL A 167 -9.74 15.90 2.52
C VAL A 167 -10.63 14.71 2.21
N PHE A 168 -11.84 14.70 2.78
CA PHE A 168 -12.76 13.54 2.77
C PHE A 168 -14.12 13.92 2.18
N THR A 169 -14.85 12.88 1.77
CA THR A 169 -16.21 12.98 1.21
C THR A 169 -17.02 11.76 1.70
N LYS A 170 -18.35 11.83 1.64
CA LYS A 170 -19.24 10.67 1.94
C LYS A 170 -18.82 9.45 1.10
N GLY A 171 -18.68 8.28 1.71
CA GLY A 171 -18.38 7.01 0.98
C GLY A 171 -19.65 6.31 0.52
N ARG A 172 -19.51 5.13 -0.09
CA ARG A 172 -20.64 4.27 -0.55
C ARG A 172 -20.09 2.86 -0.83
N ALA A 173 -20.97 1.86 -0.91
CA ALA A 173 -20.53 0.45 -1.10
C ALA A 173 -19.75 0.37 -2.41
N GLY A 174 -18.70 -0.46 -2.42
CA GLY A 174 -18.03 -0.93 -3.64
C GLY A 174 -16.84 -0.09 -4.06
N LEU A 175 -16.67 1.12 -3.48
CA LEU A 175 -15.46 1.97 -3.71
C LEU A 175 -14.20 1.11 -3.48
N VAL A 176 -13.22 1.14 -4.39
CA VAL A 176 -11.88 0.49 -4.18
C VAL A 176 -10.85 1.57 -3.83
N THR A 177 -11.02 2.77 -4.34
CA THR A 177 -10.25 3.98 -3.94
C THR A 177 -11.26 5.04 -3.58
N PRO A 178 -10.88 6.17 -2.95
CA PRO A 178 -11.83 7.24 -2.72
C PRO A 178 -12.20 7.87 -4.07
N PRO A 179 -13.35 8.59 -4.15
CA PRO A 179 -13.78 9.25 -5.37
C PRO A 179 -12.86 10.39 -5.80
N PRO A 180 -12.96 10.85 -7.08
CA PRO A 180 -12.25 12.05 -7.51
C PRO A 180 -12.86 13.33 -6.95
N LYS A 181 -12.05 14.35 -6.63
CA LYS A 181 -12.52 15.67 -6.15
C LYS A 181 -13.41 16.32 -7.22
N ASN A 182 -12.97 16.30 -8.47
CA ASN A 182 -13.73 16.79 -9.65
C ASN A 182 -13.63 15.75 -10.77
N PRO A 183 -14.75 15.22 -11.31
CA PRO A 183 -14.70 14.17 -12.35
C PRO A 183 -14.13 14.62 -13.71
N HIS A 184 -13.84 15.92 -13.87
CA HIS A 184 -13.07 16.50 -15.01
C HIS A 184 -11.57 16.22 -14.83
N ASN A 185 -11.14 15.81 -13.63
CA ASN A 185 -9.80 15.21 -13.36
C ASN A 185 -10.01 13.91 -12.56
N PRO A 186 -10.36 12.79 -13.23
CA PRO A 186 -10.57 11.52 -12.55
C PRO A 186 -9.49 11.05 -11.55
N THR A 187 -8.26 11.57 -11.63
CA THR A 187 -7.08 11.05 -10.87
C THR A 187 -6.79 11.87 -9.62
N ASP A 188 -7.27 13.11 -9.52
CA ASP A 188 -7.17 13.93 -8.28
C ASP A 188 -8.22 13.41 -7.28
N LEU A 189 -7.80 12.53 -6.37
CA LEU A 189 -8.73 11.82 -5.46
C LEU A 189 -8.87 12.58 -4.12
N PHE A 190 -10.03 12.45 -3.46
CA PHE A 190 -10.16 12.63 -1.98
C PHE A 190 -9.16 11.70 -1.29
N ASP A 191 -8.84 12.01 -0.02
CA ASP A 191 -7.84 11.24 0.78
C ASP A 191 -8.50 10.07 1.48
N SER A 192 -9.73 10.29 1.93
CA SER A 192 -10.53 9.32 2.71
C SER A 192 -11.99 9.57 2.39
N VAL A 193 -12.83 8.62 2.78
CA VAL A 193 -14.31 8.81 2.79
C VAL A 193 -14.78 8.62 4.22
N THR A 194 -16.00 9.10 4.52
CA THR A 194 -16.63 9.03 5.86
C THR A 194 -18.10 8.63 5.68
N ASN A 195 -18.78 8.28 6.79
CA ASN A 195 -20.25 8.07 6.83
C ASN A 195 -21.00 9.41 6.74
N ASN A 196 -20.40 10.49 7.21
CA ASN A 196 -21.11 11.81 7.33
C ASN A 196 -20.05 12.91 7.40
N THR A 197 -20.03 13.82 6.43
CA THR A 197 -18.98 14.86 6.27
C THR A 197 -19.19 15.97 7.31
N ARG A 198 -20.44 16.22 7.73
CA ARG A 198 -20.73 17.27 8.76
C ARG A 198 -20.24 16.78 10.14
N SER A 199 -20.58 15.55 10.51
CA SER A 199 -20.36 14.98 11.86
C SER A 199 -19.85 13.55 11.71
N PRO A 200 -18.59 13.36 11.26
CA PRO A 200 -18.07 12.03 11.00
C PRO A 200 -17.92 11.17 12.27
N LYS A 201 -18.23 9.88 12.14
CA LYS A 201 -18.04 8.83 13.19
C LYS A 201 -17.18 7.68 12.65
N LEU A 202 -17.00 7.56 11.34
CA LEU A 202 -15.97 6.62 10.82
C LEU A 202 -15.28 7.19 9.58
N PHE A 203 -14.06 6.70 9.35
CA PHE A 203 -13.20 7.01 8.17
C PHE A 203 -12.67 5.69 7.60
N VAL A 204 -12.54 5.67 6.30
CA VAL A 204 -12.06 4.50 5.53
C VAL A 204 -10.89 5.03 4.73
N VAL A 205 -9.77 4.32 4.75
CA VAL A 205 -8.60 4.68 3.89
C VAL A 205 -8.29 3.44 3.04
N PHE A 206 -7.82 3.69 1.83
CA PHE A 206 -7.82 2.70 0.74
C PHE A 206 -6.37 2.38 0.35
N PHE A 207 -5.38 2.95 1.03
CA PHE A 207 -3.94 2.78 0.71
C PHE A 207 -3.14 2.43 1.97
N ASP A 208 -2.14 1.54 1.77
CA ASP A 208 -1.13 1.12 2.75
C ASP A 208 -0.42 2.38 3.24
N ASN A 209 -0.02 2.40 4.49
CA ASN A 209 0.83 3.49 5.01
C ASN A 209 0.05 4.83 5.07
N GLN A 210 -1.29 4.81 5.00
CA GLN A 210 -2.11 6.00 5.34
C GLN A 210 -2.49 5.99 6.83
N ALA A 211 -2.18 4.91 7.54
CA ALA A 211 -2.59 4.65 8.94
C ALA A 211 -1.38 4.13 9.71
N TYR A 212 -0.97 4.82 10.79
CA TYR A 212 0.08 4.31 11.70
C TYR A 212 -0.56 3.89 13.02
N PRO A 213 -0.43 2.60 13.39
CA PRO A 213 -0.95 2.10 14.66
C PRO A 213 -0.01 2.53 15.79
N GLU A 214 -0.41 3.50 16.63
CA GLU A 214 0.52 4.15 17.60
C GLU A 214 0.45 3.49 18.99
N TYR A 215 -0.73 3.02 19.41
CA TYR A 215 -0.92 2.31 20.70
C TYR A 215 -1.88 1.14 20.51
N LEU A 216 -1.70 0.12 21.36
CA LEU A 216 -2.59 -1.08 21.51
C LEU A 216 -3.12 -1.08 22.94
N ILE A 217 -4.42 -1.00 23.09
CA ILE A 217 -5.09 -1.12 24.40
C ILE A 217 -5.64 -2.53 24.52
N THR A 218 -5.18 -3.27 25.51
CA THR A 218 -5.79 -4.57 25.89
C THR A 218 -6.77 -4.28 27.03
N PHE A 219 -8.02 -4.71 26.89
CA PHE A 219 -9.10 -4.37 27.85
C PHE A 219 -10.15 -5.48 27.86
N THR A 220 -11.13 -5.37 28.77
CA THR A 220 -12.27 -6.31 28.96
C THR A 220 -13.50 -5.52 29.38
N ALA A 221 -14.67 -6.13 29.28
CA ALA A 221 -16.00 -5.50 29.50
C ALA A 221 -16.31 -5.43 31.01
N ASN B 24 15.83 12.92 -2.85
CA ASN B 24 16.80 12.67 -3.97
C ASN B 24 16.07 12.07 -5.18
N LEU B 25 15.56 12.91 -6.10
CA LEU B 25 15.08 12.50 -7.46
C LEU B 25 16.29 12.23 -8.34
N PRO B 26 16.29 11.19 -9.19
CA PRO B 26 17.46 10.87 -10.01
C PRO B 26 17.89 12.06 -10.91
N GLU B 27 19.18 12.37 -10.93
CA GLU B 27 19.74 13.60 -11.58
C GLU B 27 19.52 13.56 -13.10
N HIS B 28 19.41 12.37 -13.72
CA HIS B 28 19.16 12.18 -15.17
C HIS B 28 17.70 12.51 -15.55
N TRP B 29 16.77 12.69 -14.60
CA TRP B 29 15.38 13.09 -14.94
C TRP B 29 15.37 14.52 -15.50
N THR B 30 14.42 14.84 -16.36
CA THR B 30 14.23 16.23 -16.84
C THR B 30 13.76 17.10 -15.67
N ASP B 31 14.18 18.37 -15.65
CA ASP B 31 13.70 19.38 -14.66
C ASP B 31 12.19 19.49 -14.82
N MET B 32 11.42 19.29 -13.75
CA MET B 32 9.94 19.30 -13.80
C MET B 32 9.39 20.64 -13.29
N ASN B 33 10.25 21.54 -12.81
CA ASN B 33 9.88 22.96 -12.56
C ASN B 33 8.87 23.00 -11.40
N HIS B 34 9.23 22.37 -10.27
CA HIS B 34 8.45 22.31 -9.01
C HIS B 34 7.21 21.40 -9.13
N GLN B 35 6.81 21.01 -10.35
CA GLN B 35 5.70 20.05 -10.57
C GLN B 35 6.17 18.63 -10.25
N LEU B 36 5.21 17.73 -9.97
CA LEU B 36 5.44 16.42 -9.30
C LEU B 36 5.31 15.24 -10.28
N PHE B 37 4.73 15.47 -11.46
CA PHE B 37 4.47 14.44 -12.51
C PHE B 37 4.94 14.95 -13.88
N CYS B 38 5.53 14.07 -14.68
CA CYS B 38 5.92 14.35 -16.08
C CYS B 38 6.11 13.01 -16.82
N MET B 39 5.51 12.89 -18.01
CA MET B 39 5.84 11.82 -18.99
C MET B 39 6.84 12.40 -20.01
N VAL B 40 8.01 11.77 -20.16
CA VAL B 40 9.09 12.29 -21.02
C VAL B 40 9.30 11.28 -22.14
N GLN B 41 9.05 11.71 -23.37
CA GLN B 41 9.21 10.87 -24.58
C GLN B 41 10.70 10.66 -24.87
N LEU B 42 11.13 9.41 -25.00
CA LEU B 42 12.53 9.04 -25.30
C LEU B 42 12.80 9.10 -26.81
N GLU B 43 14.08 9.24 -27.15
CA GLU B 43 14.63 9.28 -28.53
C GLU B 43 15.31 7.95 -28.84
N PRO B 44 14.88 7.24 -29.90
CA PRO B 44 15.61 6.05 -30.35
C PRO B 44 17.07 6.41 -30.64
N GLY B 45 18.00 5.45 -30.57
CA GLY B 45 19.45 5.74 -30.76
C GLY B 45 20.15 6.04 -29.43
N GLN B 46 19.41 6.59 -28.45
CA GLN B 46 19.87 6.68 -27.05
C GLN B 46 19.81 5.27 -26.44
N SER B 47 20.84 4.90 -25.67
CA SER B 47 20.92 3.67 -24.84
C SER B 47 19.63 3.47 -24.01
N GLU B 48 19.06 4.55 -23.43
CA GLU B 48 17.90 4.42 -22.52
C GLU B 48 16.70 3.83 -23.31
N TYR B 49 16.41 4.36 -24.51
CA TYR B 49 15.39 3.83 -25.45
C TYR B 49 15.80 2.42 -25.94
N ASN B 50 17.01 2.26 -26.46
CA ASN B 50 17.41 1.03 -27.18
C ASN B 50 17.40 -0.18 -26.24
N THR B 51 17.73 -0.01 -24.97
CA THR B 51 17.81 -1.13 -24.02
C THR B 51 16.39 -1.62 -23.76
N ILE B 52 15.43 -0.71 -23.59
CA ILE B 52 14.00 -1.10 -23.39
C ILE B 52 13.49 -1.80 -24.67
N LYS B 53 13.76 -1.24 -25.85
CA LYS B 53 13.40 -1.88 -27.14
C LYS B 53 13.93 -3.32 -27.21
N ASP B 54 15.20 -3.55 -26.89
CA ASP B 54 15.83 -4.89 -26.99
C ASP B 54 15.17 -5.85 -25.99
N LYS B 55 14.88 -5.42 -24.77
CA LYS B 55 14.27 -6.30 -23.73
C LYS B 55 12.86 -6.66 -24.18
N PHE B 56 12.19 -5.74 -24.87
CA PHE B 56 10.84 -5.92 -25.44
C PHE B 56 10.89 -6.85 -26.67
N THR B 57 11.80 -6.56 -27.62
CA THR B 57 11.86 -7.25 -28.93
C THR B 57 12.38 -8.69 -28.75
N ARG B 58 13.06 -8.98 -27.65
CA ARG B 58 13.61 -10.34 -27.38
C ARG B 58 12.47 -11.39 -27.44
N THR B 59 11.23 -11.02 -27.10
CA THR B 59 10.03 -11.93 -27.12
C THR B 59 8.84 -11.32 -27.90
N CYS B 60 8.93 -10.07 -28.38
CA CYS B 60 7.84 -9.37 -29.12
C CYS B 60 8.33 -8.82 -30.46
N SER B 61 8.99 -9.66 -31.26
CA SER B 61 9.54 -9.29 -32.60
C SER B 61 8.40 -9.02 -33.59
N SER B 62 7.23 -9.66 -33.39
CA SER B 62 6.02 -9.52 -34.25
C SER B 62 5.35 -8.15 -34.08
N TYR B 63 5.68 -7.41 -33.01
CA TYR B 63 5.10 -6.07 -32.74
C TYR B 63 6.12 -4.99 -33.10
N ALA B 64 5.67 -3.74 -33.09
CA ALA B 64 6.46 -2.53 -33.40
C ALA B 64 6.08 -1.44 -32.38
N ILE B 65 7.07 -0.72 -31.85
CA ILE B 65 6.90 0.30 -30.78
C ILE B 65 6.60 1.65 -31.44
N GLU B 66 5.49 2.28 -31.04
CA GLU B 66 5.14 3.66 -31.44
C GLU B 66 6.06 4.59 -30.66
N LYS B 67 6.13 4.43 -29.34
CA LYS B 67 6.99 5.30 -28.51
C LYS B 67 7.25 4.69 -27.14
N ILE B 68 8.27 5.21 -26.46
CA ILE B 68 8.60 4.87 -25.05
C ILE B 68 8.68 6.18 -24.26
N GLU B 69 7.88 6.29 -23.21
CA GLU B 69 7.87 7.45 -22.30
C GLU B 69 8.43 7.00 -20.96
N ARG B 70 9.40 7.76 -20.42
CA ARG B 70 9.87 7.66 -19.00
C ARG B 70 8.87 8.31 -18.06
N ILE B 71 8.43 7.59 -17.02
CA ILE B 71 7.48 8.11 -16.00
C ILE B 71 8.30 8.73 -14.87
N GLN B 72 8.17 10.05 -14.73
CA GLN B 72 8.74 10.85 -13.62
C GLN B 72 7.58 11.20 -12.66
N ASN B 73 7.37 10.35 -11.67
CA ASN B 73 6.33 10.53 -10.61
C ASN B 73 7.04 10.62 -9.26
N ALA B 74 7.20 11.82 -8.73
CA ALA B 74 8.03 12.09 -7.53
C ALA B 74 7.48 11.35 -6.30
N PHE B 75 6.19 11.41 -6.04
CA PHE B 75 5.59 10.74 -4.86
C PHE B 75 5.76 9.23 -4.99
N LEU B 76 5.41 8.65 -6.13
CA LEU B 76 5.56 7.18 -6.33
C LEU B 76 7.03 6.79 -6.16
N TRP B 77 7.97 7.62 -6.61
CA TRP B 77 9.42 7.28 -6.58
C TRP B 77 9.89 7.24 -5.12
N GLN B 78 9.53 8.29 -4.37
CA GLN B 78 9.88 8.46 -2.93
C GLN B 78 9.41 7.24 -2.13
N SER B 79 8.13 6.86 -2.26
CA SER B 79 7.49 5.74 -1.51
C SER B 79 8.14 4.42 -1.95
N TYR B 80 8.33 4.19 -3.25
CA TYR B 80 8.97 2.96 -3.75
C TYR B 80 10.40 2.86 -3.19
N GLN B 81 11.23 3.90 -3.34
CA GLN B 81 12.65 3.85 -2.87
C GLN B 81 12.73 3.68 -1.36
N VAL B 82 11.72 4.16 -0.59
CA VAL B 82 11.65 3.89 0.89
C VAL B 82 11.45 2.39 1.13
N LYS B 83 10.55 1.74 0.36
CA LYS B 83 10.31 0.28 0.47
C LYS B 83 11.55 -0.47 -0.02
N LYS B 84 12.24 0.03 -1.03
CA LYS B 84 13.44 -0.67 -1.56
C LYS B 84 14.51 -0.66 -0.46
N ARG B 85 14.66 0.48 0.22
CA ARG B 85 15.71 0.66 1.27
C ARG B 85 15.40 -0.30 2.42
N GLN B 86 14.13 -0.41 2.81
CA GLN B 86 13.69 -1.28 3.94
C GLN B 86 13.94 -2.76 3.55
N MET B 87 13.69 -3.12 2.30
CA MET B 87 13.79 -4.53 1.89
C MET B 87 15.28 -4.92 1.82
N ASP B 88 16.15 -4.01 1.33
CA ASP B 88 17.64 -4.13 1.34
C ASP B 88 18.17 -4.28 2.77
N ILE B 89 17.65 -3.49 3.73
CA ILE B 89 18.01 -3.64 5.16
C ILE B 89 17.55 -5.01 5.66
N LYS B 90 16.31 -5.43 5.36
CA LYS B 90 15.66 -6.63 5.99
C LYS B 90 16.30 -7.91 5.46
N ASN B 91 16.66 -7.93 4.17
CA ASN B 91 17.17 -9.11 3.43
C ASN B 91 18.70 -9.07 3.42
N ASP B 92 19.34 -10.23 3.35
CA ASP B 92 20.81 -10.38 3.51
C ASP B 92 21.49 -10.21 2.15
N HIS B 93 21.82 -8.98 1.76
CA HIS B 93 22.57 -8.63 0.51
C HIS B 93 21.88 -9.26 -0.70
N LYS B 94 20.55 -9.22 -0.76
CA LYS B 94 19.79 -9.78 -1.89
C LYS B 94 19.70 -8.72 -2.99
N ASN B 95 19.69 -9.15 -4.24
CA ASN B 95 19.10 -8.43 -5.39
C ASN B 95 17.59 -8.49 -5.18
N ASN B 96 16.98 -7.43 -4.62
CA ASN B 96 15.54 -7.43 -4.27
C ASN B 96 14.68 -6.94 -5.44
N GLU B 97 15.31 -6.31 -6.44
CA GLU B 97 14.61 -5.57 -7.52
C GLU B 97 14.76 -6.29 -8.84
N ARG B 98 13.67 -6.50 -9.57
CA ARG B 98 13.69 -7.02 -10.94
C ARG B 98 13.02 -5.96 -11.82
N LEU B 99 13.44 -5.92 -13.09
CA LEU B 99 12.76 -5.12 -14.15
C LEU B 99 11.76 -6.02 -14.89
N LEU B 100 10.48 -5.70 -14.74
CA LEU B 100 9.37 -6.57 -15.21
C LEU B 100 8.38 -5.78 -16.11
N PHE B 101 7.49 -6.50 -16.80
CA PHE B 101 6.48 -5.91 -17.71
C PHE B 101 5.08 -6.07 -17.11
N HIS B 102 4.19 -5.14 -17.47
CA HIS B 102 2.76 -5.15 -17.09
C HIS B 102 1.95 -4.56 -18.24
N GLY B 103 1.25 -5.40 -18.99
CA GLY B 103 0.25 -4.94 -19.97
C GLY B 103 -1.02 -4.52 -19.25
N THR B 104 -1.59 -3.38 -19.65
CA THR B 104 -2.94 -2.94 -19.20
C THR B 104 -3.69 -2.22 -20.34
N ASP B 105 -5.00 -2.05 -20.16
CA ASP B 105 -5.93 -1.30 -21.05
C ASP B 105 -5.71 0.21 -20.86
N ALA B 106 -6.18 1.00 -21.82
CA ALA B 106 -5.96 2.47 -21.91
C ALA B 106 -6.69 3.18 -20.78
N ASP B 107 -7.83 2.66 -20.32
CA ASP B 107 -8.64 3.30 -19.26
C ASP B 107 -7.83 3.40 -17.96
N SER B 108 -6.94 2.42 -17.72
CA SER B 108 -6.09 2.25 -16.51
C SER B 108 -4.84 3.14 -16.53
N VAL B 109 -4.41 3.63 -17.69
CA VAL B 109 -3.05 4.22 -17.86
C VAL B 109 -2.95 5.54 -17.08
N PRO B 110 -3.91 6.49 -17.18
CA PRO B 110 -3.84 7.69 -16.33
C PRO B 110 -3.75 7.31 -14.85
N TYR B 111 -4.52 6.32 -14.37
CA TYR B 111 -4.52 5.94 -12.93
C TYR B 111 -3.14 5.39 -12.54
N VAL B 112 -2.60 4.42 -13.30
CA VAL B 112 -1.26 3.82 -13.02
C VAL B 112 -0.18 4.90 -13.06
N ASN B 113 -0.22 5.78 -14.08
CA ASN B 113 0.76 6.88 -14.26
C ASN B 113 0.87 7.69 -12.97
N GLN B 114 -0.27 8.03 -12.38
CA GLN B 114 -0.40 8.97 -11.23
C GLN B 114 -0.28 8.19 -9.91
N HIS B 115 -0.83 6.97 -9.81
CA HIS B 115 -1.04 6.27 -8.50
C HIS B 115 -0.35 4.89 -8.43
N GLY B 116 0.20 4.39 -9.53
CA GLY B 116 0.87 3.08 -9.55
C GLY B 116 -0.12 1.92 -9.64
N PHE B 117 0.28 0.75 -9.14
CA PHE B 117 -0.39 -0.55 -9.30
C PHE B 117 -1.21 -0.86 -8.05
N ASN B 118 -2.52 -1.03 -8.22
CA ASN B 118 -3.49 -1.15 -7.09
C ASN B 118 -4.10 -2.54 -7.17
N ARG B 119 -3.73 -3.41 -6.24
CA ARG B 119 -4.08 -4.85 -6.22
C ARG B 119 -5.60 -5.02 -6.20
N SER B 120 -6.33 -4.03 -5.66
CA SER B 120 -7.81 -4.02 -5.58
C SER B 120 -8.41 -3.87 -6.98
N CYS B 121 -7.63 -3.33 -7.94
CA CYS B 121 -7.99 -3.11 -9.37
C CYS B 121 -7.53 -4.26 -10.27
N ALA B 122 -6.80 -5.24 -9.72
CA ALA B 122 -6.05 -6.28 -10.47
C ALA B 122 -7.00 -7.26 -11.16
N GLY B 123 -6.67 -7.67 -12.39
CA GLY B 123 -7.36 -8.77 -13.09
C GLY B 123 -7.13 -10.09 -12.37
N LYS B 124 -8.11 -11.00 -12.36
CA LYS B 124 -7.86 -12.42 -12.01
C LYS B 124 -7.06 -12.99 -13.19
N ASN B 125 -5.84 -13.46 -12.94
CA ASN B 125 -4.94 -14.02 -13.98
C ASN B 125 -5.45 -15.40 -14.39
N ALA B 126 -5.18 -15.83 -15.63
CA ALA B 126 -5.58 -17.15 -16.17
C ALA B 126 -4.98 -18.27 -15.31
N VAL B 127 -3.72 -18.12 -14.87
CA VAL B 127 -3.12 -19.04 -13.85
C VAL B 127 -2.88 -18.19 -12.59
N SER B 128 -3.74 -18.29 -11.58
CA SER B 128 -3.70 -17.42 -10.38
C SER B 128 -2.79 -18.02 -9.32
N TYR B 129 -1.73 -17.29 -8.97
CA TYR B 129 -0.80 -17.63 -7.87
C TYR B 129 -0.99 -16.62 -6.73
N GLY B 130 -2.14 -15.94 -6.71
CA GLY B 130 -2.56 -15.07 -5.60
C GLY B 130 -3.35 -13.88 -6.09
N LYS B 131 -4.10 -13.25 -5.17
CA LYS B 131 -4.91 -12.03 -5.40
C LYS B 131 -4.01 -10.82 -5.19
N GLY B 132 -3.27 -10.45 -6.23
CA GLY B 132 -2.34 -9.31 -6.20
C GLY B 132 -2.04 -8.79 -7.59
N THR B 133 -1.08 -7.88 -7.69
CA THR B 133 -0.70 -7.30 -8.99
C THR B 133 0.35 -8.21 -9.64
N TYR B 134 0.14 -8.56 -10.92
CA TYR B 134 0.99 -9.49 -11.71
C TYR B 134 1.97 -8.70 -12.57
N PHE B 135 3.16 -9.28 -12.79
CA PHE B 135 4.32 -8.70 -13.50
C PHE B 135 5.03 -9.85 -14.23
N ALA B 136 5.45 -9.66 -15.48
CA ALA B 136 5.94 -10.74 -16.33
C ALA B 136 7.43 -10.57 -16.61
N VAL B 137 8.14 -11.68 -16.67
CA VAL B 137 9.58 -11.69 -17.06
C VAL B 137 9.67 -11.31 -18.53
N ASP B 138 8.78 -11.86 -19.33
CA ASP B 138 8.80 -11.74 -20.82
C ASP B 138 7.72 -10.75 -21.25
N ALA B 139 8.10 -9.78 -22.09
CA ALA B 139 7.18 -8.84 -22.77
C ALA B 139 6.05 -9.62 -23.46
N SER B 140 6.36 -10.77 -24.08
CA SER B 140 5.37 -11.60 -24.82
C SER B 140 4.14 -11.85 -23.97
N TYR B 141 4.33 -12.25 -22.72
CA TYR B 141 3.19 -12.57 -21.81
C TYR B 141 2.31 -11.32 -21.70
N SER B 142 2.90 -10.16 -21.40
CA SER B 142 2.20 -8.87 -21.21
C SER B 142 1.57 -8.38 -22.53
N ALA B 143 2.06 -8.88 -23.66
CA ALA B 143 1.68 -8.40 -25.02
C ALA B 143 0.35 -9.03 -25.46
N LYS B 144 -0.12 -10.08 -24.78
CA LYS B 144 -1.43 -10.74 -25.01
C LYS B 144 -2.53 -9.68 -24.83
N ASP B 145 -3.60 -9.76 -25.63
CA ASP B 145 -4.71 -8.77 -25.67
C ASP B 145 -5.45 -8.80 -24.34
N THR B 146 -5.45 -9.92 -23.62
CA THR B 146 -6.08 -10.06 -22.27
C THR B 146 -5.58 -8.96 -21.33
N TYR B 147 -4.30 -8.61 -21.45
CA TYR B 147 -3.61 -7.64 -20.57
C TYR B 147 -3.57 -6.28 -21.27
N SER B 148 -2.74 -6.22 -22.33
CA SER B 148 -2.50 -5.00 -23.15
C SER B 148 -3.62 -4.89 -24.20
N LYS B 149 -4.87 -4.74 -23.74
CA LYS B 149 -6.09 -4.65 -24.57
C LYS B 149 -5.90 -3.51 -25.59
N PRO B 150 -6.04 -3.77 -26.91
CA PRO B 150 -5.85 -2.73 -27.92
C PRO B 150 -6.95 -1.69 -27.71
N ASP B 151 -6.64 -0.40 -27.80
CA ASP B 151 -7.67 0.67 -27.69
C ASP B 151 -8.35 0.82 -29.04
N SER B 152 -9.31 1.74 -29.11
CA SER B 152 -10.07 2.13 -30.33
C SER B 152 -9.12 2.41 -31.51
N ASN B 153 -7.84 2.74 -31.28
CA ASN B 153 -6.90 3.08 -32.40
C ASN B 153 -5.88 1.95 -32.62
N GLY B 154 -6.05 0.78 -31.98
CA GLY B 154 -5.16 -0.40 -32.15
C GLY B 154 -3.85 -0.29 -31.37
N ARG B 155 -3.78 0.66 -30.44
CA ARG B 155 -2.59 0.91 -29.59
C ARG B 155 -2.65 0.02 -28.36
N LYS B 156 -1.57 -0.74 -28.12
CA LYS B 156 -1.38 -1.56 -26.89
C LYS B 156 -0.43 -0.82 -25.95
N HIS B 157 -0.63 -0.99 -24.62
CA HIS B 157 0.12 -0.30 -23.55
C HIS B 157 0.77 -1.32 -22.64
N MET B 158 2.06 -1.13 -22.38
CA MET B 158 2.85 -2.03 -21.52
C MET B 158 3.78 -1.18 -20.66
N TYR B 159 3.75 -1.37 -19.34
CA TYR B 159 4.68 -0.70 -18.40
C TYR B 159 5.91 -1.59 -18.29
N VAL B 160 7.05 -0.91 -18.15
CA VAL B 160 8.33 -1.50 -17.68
C VAL B 160 8.54 -1.00 -16.26
N VAL B 161 8.68 -1.94 -15.33
CA VAL B 161 8.38 -1.76 -13.88
C VAL B 161 9.55 -2.29 -13.06
N ARG B 162 10.02 -1.45 -12.15
CA ARG B 162 10.91 -1.90 -11.05
C ARG B 162 9.99 -2.50 -10.00
N VAL B 163 10.21 -3.78 -9.70
CA VAL B 163 9.39 -4.58 -8.77
C VAL B 163 10.29 -5.10 -7.64
N LEU B 164 9.83 -4.96 -6.39
CA LEU B 164 10.60 -5.48 -5.23
C LEU B 164 10.21 -6.96 -5.03
N THR B 165 10.76 -7.82 -5.89
CA THR B 165 10.47 -9.28 -5.86
C THR B 165 11.06 -9.86 -4.56
N GLY B 166 12.21 -9.37 -4.11
CA GLY B 166 12.78 -9.79 -2.82
C GLY B 166 13.03 -11.29 -2.77
N VAL B 167 12.71 -11.90 -1.64
CA VAL B 167 12.76 -13.38 -1.43
C VAL B 167 11.37 -13.93 -1.76
N PHE B 168 11.27 -14.87 -2.69
CA PHE B 168 9.96 -15.31 -3.24
C PHE B 168 9.81 -16.85 -3.13
N THR B 169 8.56 -17.30 -3.15
CA THR B 169 8.14 -18.74 -3.16
C THR B 169 7.03 -18.93 -4.20
N LYS B 170 6.80 -20.17 -4.63
CA LYS B 170 5.64 -20.49 -5.51
C LYS B 170 4.35 -20.03 -4.80
N GLY B 171 3.52 -19.21 -5.45
CA GLY B 171 2.25 -18.74 -4.88
C GLY B 171 1.15 -19.79 -4.95
N ARG B 172 -0.06 -19.37 -4.59
CA ARG B 172 -1.28 -20.21 -4.42
C ARG B 172 -2.46 -19.28 -4.65
N ALA B 173 -3.46 -19.68 -5.44
CA ALA B 173 -4.57 -18.79 -5.81
C ALA B 173 -5.19 -18.10 -4.58
N GLY B 174 -5.15 -18.71 -3.39
CA GLY B 174 -5.88 -18.17 -2.21
C GLY B 174 -5.21 -16.98 -1.51
N LEU B 175 -3.92 -16.72 -1.77
CA LEU B 175 -3.12 -15.68 -1.07
C LEU B 175 -3.74 -14.30 -1.30
N VAL B 176 -3.93 -13.52 -0.24
CA VAL B 176 -4.25 -12.06 -0.27
C VAL B 176 -3.00 -11.28 0.21
N THR B 177 -2.08 -11.96 0.90
CA THR B 177 -0.72 -11.46 1.25
C THR B 177 0.29 -12.55 0.91
N PRO B 178 1.62 -12.26 0.88
CA PRO B 178 2.59 -13.31 0.56
C PRO B 178 2.57 -14.25 1.77
N PRO B 179 2.93 -15.54 1.56
CA PRO B 179 2.87 -16.53 2.63
C PRO B 179 4.01 -16.26 3.62
N PRO B 180 3.90 -16.71 4.90
CA PRO B 180 5.04 -16.64 5.82
C PRO B 180 6.12 -17.62 5.37
N LYS B 181 7.38 -17.35 5.69
CA LYS B 181 8.51 -18.26 5.41
C LYS B 181 8.40 -19.47 6.32
N ASN B 182 7.82 -19.25 7.50
CA ASN B 182 7.72 -20.19 8.63
C ASN B 182 6.30 -20.12 9.20
N PRO B 183 5.56 -21.27 9.21
CA PRO B 183 4.16 -21.29 9.64
C PRO B 183 4.00 -20.87 11.11
N HIS B 184 5.04 -21.09 11.92
CA HIS B 184 5.08 -20.79 13.38
C HIS B 184 5.51 -19.35 13.62
N ASN B 185 5.86 -18.60 12.56
CA ASN B 185 6.02 -17.11 12.58
C ASN B 185 5.14 -16.50 11.48
N PRO B 186 3.81 -16.39 11.70
CA PRO B 186 2.92 -15.92 10.64
C PRO B 186 3.22 -14.54 9.99
N THR B 187 3.92 -13.63 10.67
CA THR B 187 4.15 -12.21 10.23
C THR B 187 5.49 -12.06 9.48
N ASP B 188 6.31 -13.10 9.42
CA ASP B 188 7.63 -13.04 8.75
C ASP B 188 7.47 -13.54 7.32
N LEU B 189 7.04 -12.63 6.44
CA LEU B 189 6.50 -12.94 5.10
C LEU B 189 7.62 -13.03 4.07
N PHE B 190 7.42 -13.83 3.03
CA PHE B 190 8.06 -13.64 1.72
C PHE B 190 7.70 -12.24 1.22
N ASP B 191 8.52 -11.72 0.30
CA ASP B 191 8.37 -10.39 -0.32
C ASP B 191 7.36 -10.48 -1.48
N SER B 192 7.44 -11.53 -2.28
CA SER B 192 6.58 -11.76 -3.47
C SER B 192 6.37 -13.27 -3.64
N VAL B 193 5.48 -13.65 -4.55
CA VAL B 193 5.35 -15.06 -5.01
C VAL B 193 5.52 -15.10 -6.54
N THR B 194 5.86 -16.28 -7.04
CA THR B 194 6.10 -16.59 -8.47
C THR B 194 5.33 -17.86 -8.87
N ASN B 195 5.27 -18.15 -10.17
CA ASN B 195 4.57 -19.34 -10.71
C ASN B 195 5.48 -20.57 -10.54
N ASN B 196 6.79 -20.36 -10.54
CA ASN B 196 7.83 -21.45 -10.55
C ASN B 196 9.14 -20.82 -10.07
N THR B 197 9.70 -21.27 -8.93
CA THR B 197 10.89 -20.60 -8.32
C THR B 197 12.18 -20.96 -9.07
N ARG B 198 12.20 -22.02 -9.88
CA ARG B 198 13.42 -22.41 -10.67
C ARG B 198 13.45 -21.69 -12.02
N SER B 199 12.31 -21.54 -12.70
CA SER B 199 12.14 -20.67 -13.89
C SER B 199 10.98 -19.68 -13.69
N PRO B 200 11.15 -18.60 -12.91
CA PRO B 200 10.05 -17.66 -12.69
C PRO B 200 9.74 -16.92 -14.01
N LYS B 201 8.47 -16.98 -14.45
CA LYS B 201 7.93 -16.17 -15.57
C LYS B 201 6.97 -15.10 -15.06
N LEU B 202 6.46 -15.22 -13.82
CA LEU B 202 5.44 -14.32 -13.21
C LEU B 202 5.88 -13.97 -11.78
N PHE B 203 5.61 -12.75 -11.34
CA PHE B 203 5.67 -12.36 -9.92
C PHE B 203 4.37 -11.64 -9.53
N VAL B 204 3.89 -11.90 -8.31
CA VAL B 204 2.69 -11.23 -7.73
C VAL B 204 3.14 -10.47 -6.49
N VAL B 205 2.73 -9.21 -6.38
CA VAL B 205 3.00 -8.38 -5.17
C VAL B 205 1.65 -7.95 -4.58
N PHE B 206 1.61 -7.77 -3.26
CA PHE B 206 0.36 -7.66 -2.46
C PHE B 206 0.34 -6.36 -1.67
N PHE B 207 1.34 -5.49 -1.88
CA PHE B 207 1.49 -4.18 -1.16
C PHE B 207 1.73 -3.06 -2.19
N ASP B 208 1.19 -1.88 -1.83
CA ASP B 208 1.36 -0.58 -2.53
C ASP B 208 2.82 -0.14 -2.49
N ASN B 209 3.29 0.56 -3.52
CA ASN B 209 4.67 1.11 -3.56
C ASN B 209 5.69 -0.04 -3.54
N GLN B 210 5.33 -1.26 -3.94
CA GLN B 210 6.32 -2.36 -4.09
C GLN B 210 6.74 -2.49 -5.55
N ALA B 211 6.16 -1.64 -6.42
CA ALA B 211 6.37 -1.53 -7.88
C ALA B 211 6.37 -0.06 -8.33
N TYR B 212 7.41 0.37 -9.08
CA TYR B 212 7.50 1.72 -9.69
C TYR B 212 7.33 1.58 -11.20
N PRO B 213 6.28 2.20 -11.79
CA PRO B 213 6.07 2.18 -13.24
C PRO B 213 7.07 3.17 -13.84
N GLU B 214 8.10 2.66 -14.51
CA GLU B 214 9.24 3.49 -14.93
C GLU B 214 9.07 3.94 -16.39
N TYR B 215 8.54 3.08 -17.23
CA TYR B 215 8.35 3.36 -18.68
C TYR B 215 6.98 2.84 -19.10
N LEU B 216 6.39 3.53 -20.09
CA LEU B 216 5.14 3.19 -20.79
C LEU B 216 5.51 2.93 -22.25
N ILE B 217 5.52 1.67 -22.69
CA ILE B 217 5.72 1.32 -24.11
C ILE B 217 4.35 1.39 -24.78
N THR B 218 4.14 2.29 -25.75
CA THR B 218 2.97 2.28 -26.65
C THR B 218 3.37 1.54 -27.92
N PHE B 219 2.60 0.54 -28.34
CA PHE B 219 2.95 -0.34 -29.50
C PHE B 219 1.69 -0.81 -30.24
N THR B 220 1.91 -1.36 -31.45
CA THR B 220 0.86 -1.78 -32.40
C THR B 220 1.32 -3.07 -33.08
N ALA B 221 0.41 -3.75 -33.79
CA ALA B 221 0.74 -4.88 -34.71
C ALA B 221 1.33 -4.32 -36.01
#